data_8B3A
#
_entry.id   8B3A
#
_entity_poly.entity_id   1
_entity_poly.type   'polypeptide(L)'
_entity_poly.pdbx_seq_one_letter_code
;(ACE)LHLHLRL(NH2)
;
_entity_poly.pdbx_strand_id   A,B,C,D,E,F,G,H,I,J,K,L,M,N,O,P,Q,R,S,T,U,V,W,X,Y,Z,a,b,c,d
#
# COMPACT_ATOMS: atom_id res chain seq x y z
N LEU A 2 13.52 -2.38 6.70
CA LEU A 2 13.67 -1.48 5.56
C LEU A 2 12.72 -0.27 5.54
N HIS A 3 13.27 0.86 5.08
CA HIS A 3 12.55 2.13 4.94
C HIS A 3 12.38 2.18 3.42
N LEU A 4 11.30 1.54 2.97
CA LEU A 4 10.92 1.49 1.56
C LEU A 4 9.99 2.66 1.45
N HIS A 5 10.33 3.60 0.57
CA HIS A 5 9.54 4.81 0.45
C HIS A 5 9.25 4.94 -1.04
N LEU A 6 8.02 5.25 -1.36
CA LEU A 6 7.65 5.51 -2.71
C LEU A 6 6.92 6.84 -2.70
N ARG A 7 6.97 7.53 -3.83
CA ARG A 7 6.31 8.83 -3.97
C ARG A 7 6.04 8.97 -5.46
N LEU A 8 4.76 9.00 -5.83
CA LEU A 8 4.38 9.12 -7.23
C LEU A 8 3.53 10.38 -7.33
N LEU B 2 -0.53 3.11 -14.95
CA LEU B 2 0.64 2.27 -14.64
C LEU B 2 0.35 0.99 -13.84
N HIS B 3 1.08 -0.06 -14.19
CA HIS B 3 1.00 -1.38 -13.55
C HIS B 3 2.32 -1.35 -12.74
N LEU B 4 2.22 -0.78 -11.54
CA LEU B 4 3.32 -0.70 -10.60
C LEU B 4 3.12 -1.94 -9.76
N HIS B 5 4.13 -2.80 -9.75
CA HIS B 5 4.00 -4.05 -9.05
C HIS B 5 5.24 -4.13 -8.15
N LEU B 6 5.03 -4.52 -6.92
CA LEU B 6 6.12 -4.74 -6.03
C LEU B 6 5.90 -6.12 -5.43
N ARG B 7 6.99 -6.76 -5.03
CA ARG B 7 6.94 -8.09 -4.45
C ARG B 7 8.20 -8.17 -3.57
N LEU B 8 7.99 -8.29 -2.26
CA LEU B 8 9.11 -8.38 -1.33
C LEU B 8 8.93 -9.70 -0.57
N LEU C 2 14.36 -8.89 4.45
CA LEU C 2 15.44 -9.88 4.48
C LEU C 2 15.04 -11.28 4.98
N HIS C 3 15.65 -12.29 4.35
CA HIS C 3 15.46 -13.71 4.67
C HIS C 3 16.77 -13.99 5.43
N LEU C 4 16.78 -13.75 6.73
CA LEU C 4 17.89 -14.06 7.60
C LEU C 4 17.54 -15.43 8.11
N HIS C 5 18.41 -16.39 7.85
CA HIS C 5 18.13 -17.76 8.21
C HIS C 5 19.35 -18.23 8.98
N LEU C 6 19.13 -18.89 10.05
CA LEU C 6 20.18 -19.46 10.89
C LEU C 6 19.78 -20.90 11.21
N ARG C 7 20.77 -21.80 11.21
CA ARG C 7 20.55 -23.22 11.44
C ARG C 7 21.78 -23.70 12.19
N LEU C 8 21.58 -24.10 13.44
CA LEU C 8 22.68 -24.59 14.25
C LEU C 8 22.41 -26.00 14.76
N LEU D 2 1.34 9.77 -14.41
CA LEU D 2 1.68 10.84 -15.36
C LEU D 2 0.96 12.18 -15.15
N HIS D 3 1.71 13.26 -15.37
CA HIS D 3 1.22 14.64 -15.26
C HIS D 3 1.08 14.99 -16.75
N LEU D 4 -0.08 14.67 -17.32
CA LEU D 4 -0.42 15.03 -18.69
C LEU D 4 -1.12 16.35 -18.52
N HIS D 5 -0.61 17.38 -19.15
CA HIS D 5 -1.17 18.72 -18.97
C HIS D 5 -1.37 19.24 -20.39
N LEU D 6 -2.49 19.82 -20.60
CA LEU D 6 -2.85 20.43 -21.89
C LEU D 6 -3.43 21.81 -21.60
N ARG D 7 -3.07 22.78 -22.44
CA ARG D 7 -3.50 24.17 -22.26
C ARG D 7 -3.69 24.71 -23.68
N LEU D 8 -4.93 25.02 -24.00
CA LEU D 8 -5.23 25.56 -25.33
C LEU D 8 -5.92 26.91 -25.23
N LEU E 2 27.52 -17.98 23.21
CA LEU E 2 27.75 -16.91 22.23
C LEU E 2 26.89 -15.64 22.41
N HIS E 3 27.52 -14.50 22.15
CA HIS E 3 26.88 -13.18 22.21
C HIS E 3 26.71 -12.89 20.72
N LEU E 4 25.60 -13.34 20.14
CA LEU E 4 25.23 -13.08 18.76
C LEU E 4 24.38 -11.83 18.89
N HIS E 5 24.81 -10.77 18.23
CA HIS E 5 24.10 -9.51 18.36
C HIS E 5 23.84 -9.04 16.94
N LEU E 6 22.67 -8.59 16.69
CA LEU E 6 22.26 -8.07 15.40
C LEU E 6 21.53 -6.75 15.64
N ARG E 7 21.78 -5.77 14.76
CA ARG E 7 21.22 -4.43 14.90
C ARG E 7 20.98 -3.96 13.47
N LEU E 8 19.71 -3.79 13.13
CA LEU E 8 19.36 -3.34 11.79
C LEU E 8 18.53 -2.06 11.84
N LEU F 2 -10.76 18.91 -33.85
CA LEU F 2 -9.70 17.92 -33.70
C LEU F 2 -10.11 16.58 -33.05
N HIS F 3 -9.54 15.51 -33.57
CA HIS F 3 -9.75 14.14 -33.09
C HIS F 3 -8.44 13.92 -32.31
N LEU F 4 -8.44 14.30 -31.04
CA LEU F 4 -7.32 14.08 -30.14
C LEU F 4 -7.70 12.76 -29.49
N HIS F 5 -6.85 11.77 -29.63
CA HIS F 5 -7.16 10.45 -29.11
C HIS F 5 -5.95 10.05 -28.30
N LEU F 6 -6.18 9.51 -27.16
CA LEU F 6 -5.14 9.02 -26.26
C LEU F 6 -5.56 7.64 -25.78
N ARG F 7 -4.59 6.73 -25.67
CA ARG F 7 -4.84 5.34 -25.29
C ARG F 7 -3.62 4.93 -24.49
N LEU F 8 -3.83 4.67 -23.21
CA LEU F 8 -2.73 4.26 -22.35
C LEU F 8 -3.02 2.92 -21.68
N LEU G 2 9.51 -2.74 9.22
CA LEU G 2 9.66 -1.82 8.08
C LEU G 2 8.73 -0.60 8.07
N HIS G 3 9.27 0.52 7.62
CA HIS G 3 8.56 1.80 7.49
C HIS G 3 8.38 1.86 5.97
N LEU G 4 7.30 1.23 5.51
CA LEU G 4 6.93 1.19 4.12
C LEU G 4 5.99 2.38 4.00
N HIS G 5 6.34 3.32 3.14
CA HIS G 5 5.55 4.53 3.03
C HIS G 5 5.27 4.67 1.54
N LEU G 6 4.04 5.00 1.22
CA LEU G 6 3.67 5.26 -0.12
C LEU G 6 2.95 6.60 -0.10
N ARG G 7 3.00 7.31 -1.24
CA ARG G 7 2.35 8.61 -1.36
C ARG G 7 2.08 8.76 -2.85
N LEU G 8 0.80 8.80 -3.22
CA LEU G 8 0.42 8.94 -4.62
C LEU G 8 -0.43 10.21 -4.71
N LEU H 2 -4.52 3.01 -12.38
CA LEU H 2 -3.36 2.17 -12.08
C LEU H 2 -3.65 0.88 -11.29
N HIS H 3 -2.93 -0.17 -11.64
CA HIS H 3 -3.01 -1.49 -11.01
C HIS H 3 -1.70 -1.49 -10.21
N LEU H 4 -1.80 -0.93 -9.01
CA LEU H 4 -0.70 -0.85 -8.07
C LEU H 4 -0.90 -2.10 -7.24
N HIS H 5 0.10 -2.96 -7.23
CA HIS H 5 -0.03 -4.23 -6.54
C HIS H 5 1.20 -4.31 -5.65
N LEU H 6 1.00 -4.72 -4.42
CA LEU H 6 2.08 -4.94 -3.53
C LEU H 6 1.86 -6.33 -2.95
N ARG H 7 2.95 -6.97 -2.55
CA ARG H 7 2.90 -8.31 -1.97
C ARG H 7 4.15 -8.40 -1.10
N LEU H 8 3.95 -8.54 0.20
CA LEU H 8 5.06 -8.64 1.14
C LEU H 8 4.87 -9.96 1.89
N LEU I 2 10.30 -9.23 6.91
CA LEU I 2 11.38 -10.22 6.94
C LEU I 2 10.98 -11.63 7.42
N HIS I 3 11.58 -12.63 6.79
CA HIS I 3 11.38 -14.05 7.09
C HIS I 3 12.69 -14.35 7.85
N LEU I 4 12.70 -14.12 9.15
CA LEU I 4 13.82 -14.43 10.01
C LEU I 4 13.46 -15.82 10.50
N HIS I 5 14.32 -16.77 10.24
CA HIS I 5 14.03 -18.15 10.59
C HIS I 5 15.25 -18.64 11.36
N LEU I 6 15.03 -19.30 12.43
CA LEU I 6 16.08 -19.88 13.26
C LEU I 6 15.67 -21.32 13.58
N ARG I 7 16.66 -22.22 13.57
CA ARG I 7 16.42 -23.65 13.78
C ARG I 7 17.66 -24.14 14.52
N LEU I 8 17.45 -24.54 15.77
CA LEU I 8 18.55 -25.04 16.57
C LEU I 8 18.28 -26.45 17.08
N LEU J 2 -2.62 9.66 -11.79
CA LEU J 2 -2.27 10.73 -12.73
C LEU J 2 -2.98 12.07 -12.50
N HIS J 3 -2.23 13.15 -12.72
CA HIS J 3 -2.71 14.53 -12.60
C HIS J 3 -2.86 14.90 -14.09
N LEU J 4 -4.02 14.60 -14.66
CA LEU J 4 -4.35 14.96 -16.03
C LEU J 4 -5.05 16.29 -15.85
N HIS J 5 -4.52 17.33 -16.46
CA HIS J 5 -5.09 18.65 -16.27
C HIS J 5 -5.29 19.19 -17.68
N LEU J 6 -6.40 19.78 -17.90
CA LEU J 6 -6.76 20.40 -19.17
C LEU J 6 -7.33 21.78 -18.87
N ARG J 7 -6.97 22.76 -19.71
CA ARG J 7 -7.38 24.15 -19.51
C ARG J 7 -7.56 24.69 -20.93
N LEU J 8 -8.82 25.02 -21.25
CA LEU J 8 -9.11 25.56 -22.57
C LEU J 8 -9.80 26.93 -22.47
N LEU K 2 23.43 -18.54 25.59
CA LEU K 2 23.67 -17.46 24.62
C LEU K 2 22.81 -16.20 24.81
N HIS K 3 23.44 -15.05 24.55
CA HIS K 3 22.82 -13.73 24.63
C HIS K 3 22.65 -13.43 23.13
N LEU K 4 21.53 -13.87 22.56
CA LEU K 4 21.17 -13.59 21.18
C LEU K 4 20.32 -12.34 21.33
N HIS K 5 20.75 -11.27 20.67
CA HIS K 5 20.05 -10.01 20.81
C HIS K 5 19.80 -9.54 19.39
N LEU K 6 18.63 -9.07 19.15
CA LEU K 6 18.21 -8.54 17.86
C LEU K 6 17.50 -7.22 18.11
N ARG K 7 17.75 -6.23 17.24
CA ARG K 7 17.19 -4.89 17.39
C ARG K 7 16.96 -4.41 15.97
N LEU K 8 15.69 -4.22 15.62
CA LEU K 8 15.34 -3.76 14.29
C LEU K 8 14.51 -2.48 14.35
N LEU L 2 -14.68 19.03 -31.15
CA LEU L 2 -13.63 18.02 -31.00
C LEU L 2 -14.05 16.69 -30.37
N HIS L 3 -13.46 15.61 -30.89
CA HIS L 3 -13.69 14.23 -30.42
C HIS L 3 -12.39 14.00 -29.65
N LEU L 4 -12.38 14.37 -28.37
CA LEU L 4 -11.26 14.14 -27.47
C LEU L 4 -11.65 12.82 -26.83
N HIS L 5 -10.79 11.82 -26.99
CA HIS L 5 -11.12 10.51 -26.49
C HIS L 5 -9.91 10.09 -25.67
N LEU L 6 -10.14 9.55 -24.54
CA LEU L 6 -9.11 9.05 -23.64
C LEU L 6 -9.54 7.66 -23.16
N ARG L 7 -8.57 6.74 -23.08
CA ARG L 7 -8.84 5.35 -22.70
C ARG L 7 -7.60 4.93 -21.90
N LEU L 8 -7.82 4.67 -20.62
CA LEU L 8 -6.72 4.24 -19.77
C LEU L 8 -7.03 2.90 -19.11
N LEU M 2 5.49 -3.09 11.73
CA LEU M 2 5.65 -2.16 10.60
C LEU M 2 4.72 -0.94 10.60
N HIS M 3 5.27 0.18 10.16
CA HIS M 3 4.57 1.47 10.05
C HIS M 3 4.39 1.54 8.52
N LEU M 4 3.30 0.93 8.06
CA LEU M 4 2.93 0.90 6.67
C LEU M 4 2.01 2.09 6.57
N HIS M 5 2.36 3.03 5.71
CA HIS M 5 1.57 4.25 5.60
C HIS M 5 1.28 4.40 4.12
N LEU M 6 0.06 4.75 3.81
CA LEU M 6 -0.30 5.02 2.45
C LEU M 6 -1.02 6.36 2.50
N ARG M 7 -0.97 7.08 1.37
CA ARG M 7 -1.61 8.38 1.26
C ARG M 7 -1.88 8.55 -0.23
N LEU M 8 -3.15 8.60 -0.60
CA LEU M 8 -3.53 8.75 -2.00
C LEU M 8 -4.38 10.02 -2.07
N LEU N 2 -8.52 2.91 -9.81
CA LEU N 2 -7.36 2.07 -9.52
C LEU N 2 -7.66 0.77 -8.74
N HIS N 3 -6.93 -0.28 -9.11
CA HIS N 3 -7.03 -1.61 -8.49
C HIS N 3 -5.72 -1.62 -7.67
N LEU N 4 -5.81 -1.07 -6.47
CA LEU N 4 -4.71 -1.00 -5.53
C LEU N 4 -4.92 -2.25 -4.71
N HIS N 5 -3.92 -3.12 -4.71
CA HIS N 5 -4.06 -4.39 -4.03
C HIS N 5 -2.82 -4.50 -3.14
N LEU N 6 -3.04 -4.90 -1.92
CA LEU N 6 -1.95 -5.15 -1.03
C LEU N 6 -2.18 -6.54 -0.46
N ARG N 7 -1.09 -7.19 -0.07
CA ARG N 7 -1.15 -8.54 0.50
C ARG N 7 0.09 -8.64 1.37
N LEU N 8 -0.10 -8.78 2.67
CA LEU N 8 1.01 -8.90 3.60
C LEU N 8 0.82 -10.22 4.34
N LEU O 2 6.25 -9.56 9.38
CA LEU O 2 7.33 -10.56 9.39
C LEU O 2 6.92 -11.96 9.86
N HIS O 3 7.52 -12.97 9.22
CA HIS O 3 7.31 -14.39 9.52
C HIS O 3 8.62 -14.70 10.26
N LEU O 4 8.63 -14.48 11.57
CA LEU O 4 9.75 -14.81 12.43
C LEU O 4 9.38 -16.20 12.91
N HIS O 5 10.24 -17.16 12.64
CA HIS O 5 9.93 -18.53 12.98
C HIS O 5 11.15 -19.03 13.74
N LEU O 6 10.93 -19.70 14.80
CA LEU O 6 11.97 -20.30 15.63
C LEU O 6 11.57 -21.73 15.93
N ARG O 7 12.54 -22.65 15.92
CA ARG O 7 12.29 -24.07 16.11
C ARG O 7 13.53 -24.57 16.86
N LEU O 8 13.32 -24.99 18.10
CA LEU O 8 14.43 -25.50 18.90
C LEU O 8 14.14 -26.91 19.39
N LEU P 2 -6.58 9.55 -9.17
CA LEU P 2 -6.23 10.63 -10.09
C LEU P 2 -6.93 11.97 -9.85
N HIS P 3 -6.18 13.04 -10.07
CA HIS P 3 -6.64 14.43 -9.93
C HIS P 3 -6.79 14.81 -11.42
N LEU P 4 -7.95 14.52 -12.00
CA LEU P 4 -8.29 14.89 -13.36
C LEU P 4 -8.98 16.22 -13.17
N HIS P 5 -8.44 17.26 -13.78
CA HIS P 5 -8.99 18.59 -13.58
C HIS P 5 -9.20 19.14 -14.98
N LEU P 6 -10.31 19.74 -15.19
CA LEU P 6 -10.66 20.37 -16.45
C LEU P 6 -11.22 21.75 -16.14
N ARG P 7 -10.86 22.74 -16.97
CA ARG P 7 -11.26 24.13 -16.77
C ARG P 7 -11.45 24.69 -18.18
N LEU P 8 -12.70 25.02 -18.50
CA LEU P 8 -12.99 25.58 -19.82
C LEU P 8 -13.67 26.93 -19.70
N LEU Q 2 19.33 -19.10 27.97
CA LEU Q 2 19.58 -18.01 27.01
C LEU Q 2 18.73 -16.75 27.20
N HIS Q 3 19.37 -15.60 26.96
CA HIS Q 3 18.75 -14.28 27.04
C HIS Q 3 18.58 -13.97 25.55
N LEU Q 4 17.46 -14.39 24.97
CA LEU Q 4 17.11 -14.10 23.60
C LEU Q 4 16.27 -12.85 23.75
N HIS Q 5 16.69 -11.78 23.11
CA HIS Q 5 16.00 -10.51 23.27
C HIS Q 5 15.75 -10.02 21.85
N LEU Q 6 14.59 -9.55 21.61
CA LEU Q 6 14.17 -9.01 20.33
C LEU Q 6 13.47 -7.68 20.59
N ARG Q 7 13.72 -6.69 19.73
CA ARG Q 7 13.17 -5.35 19.89
C ARG Q 7 12.94 -4.85 18.46
N LEU Q 8 11.67 -4.67 18.12
CA LEU Q 8 11.33 -4.18 16.79
C LEU Q 8 10.50 -2.90 16.87
N LEU R 2 -18.60 19.13 -28.43
CA LEU R 2 -17.55 18.13 -28.31
C LEU R 2 -17.98 16.79 -27.68
N HIS R 3 -17.40 15.71 -28.21
CA HIS R 3 -17.63 14.34 -27.76
C HIS R 3 -16.33 14.09 -26.98
N LEU R 4 -16.32 14.45 -25.70
CA LEU R 4 -15.21 14.20 -24.81
C LEU R 4 -15.60 12.89 -24.18
N HIS R 5 -14.75 11.88 -24.34
CA HIS R 5 -15.08 10.56 -23.84
C HIS R 5 -13.87 10.13 -23.04
N LEU R 6 -14.11 9.59 -21.91
CA LEU R 6 -13.07 9.07 -21.01
C LEU R 6 -13.51 7.68 -20.55
N ARG R 7 -12.55 6.75 -20.47
CA ARG R 7 -12.81 5.36 -20.12
C ARG R 7 -11.58 4.93 -19.32
N LEU R 8 -11.81 4.66 -18.03
CA LEU R 8 -10.71 4.22 -17.19
C LEU R 8 -11.02 2.87 -16.54
N LEU S 2 1.48 -3.43 14.24
CA LEU S 2 1.64 -2.50 13.13
C LEU S 2 0.71 -1.28 13.14
N HIS S 3 1.27 -0.14 12.71
CA HIS S 3 0.57 1.14 12.60
C HIS S 3 0.40 1.23 11.07
N LEU S 4 -0.69 0.62 10.61
CA LEU S 4 -1.07 0.60 9.21
C LEU S 4 -1.99 1.80 9.12
N HIS S 5 -1.63 2.76 8.27
CA HIS S 5 -2.41 3.97 8.18
C HIS S 5 -2.69 4.15 6.69
N LEU S 6 -3.92 4.49 6.39
CA LEU S 6 -4.28 4.78 5.03
C LEU S 6 -4.99 6.12 5.09
N ARG S 7 -4.94 6.85 3.98
CA ARG S 7 -5.57 8.16 3.87
C ARG S 7 -5.83 8.33 2.37
N LEU S 8 -7.11 8.40 2.01
CA LEU S 8 -7.49 8.57 0.62
C LEU S 8 -8.34 9.84 0.55
N LEU T 2 -12.51 2.81 -7.24
CA LEU T 2 -11.36 1.96 -6.96
C LEU T 2 -11.66 0.66 -6.18
N HIS T 3 -10.95 -0.39 -6.56
CA HIS T 3 -11.04 -1.72 -5.96
C HIS T 3 -9.73 -1.75 -5.14
N LEU T 4 -9.83 -1.20 -3.93
CA LEU T 4 -8.72 -1.16 -2.99
C LEU T 4 -8.92 -2.41 -2.19
N HIS T 5 -7.93 -3.28 -2.20
CA HIS T 5 -8.09 -4.56 -1.52
C HIS T 5 -6.86 -4.67 -0.63
N LEU T 6 -7.07 -5.10 0.59
CA LEU T 6 -5.98 -5.35 1.47
C LEU T 6 -6.21 -6.74 2.03
N ARG T 7 -5.13 -7.40 2.41
CA ARG T 7 -5.20 -8.76 2.97
C ARG T 7 -3.95 -8.88 3.84
N LEU T 8 -4.15 -9.03 5.14
CA LEU T 8 -3.04 -9.16 6.08
C LEU T 8 -3.24 -10.48 6.80
N LEU U 2 2.21 -9.90 11.83
CA LEU U 2 3.27 -10.90 11.85
C LEU U 2 2.86 -12.31 12.30
N HIS U 3 3.45 -13.31 11.65
CA HIS U 3 3.23 -14.72 11.94
C HIS U 3 4.54 -15.06 12.67
N LEU U 4 4.55 -14.84 13.99
CA LEU U 4 5.67 -15.19 14.85
C LEU U 4 5.29 -16.57 15.31
N HIS U 5 6.15 -17.54 15.02
CA HIS U 5 5.84 -18.92 15.37
C HIS U 5 7.06 -19.43 16.11
N LEU U 6 6.82 -20.11 17.17
CA LEU U 6 7.86 -20.71 18.00
C LEU U 6 7.45 -22.15 18.29
N ARG U 7 8.42 -23.07 18.26
CA ARG U 7 8.17 -24.49 18.46
C ARG U 7 9.41 -25.00 19.19
N LEU U 8 9.19 -25.43 20.43
CA LEU U 8 10.30 -25.95 21.22
C LEU U 8 10.01 -27.36 21.70
N LEU V 2 -10.54 9.43 -6.54
CA LEU V 2 -10.18 10.52 -7.46
C LEU V 2 -10.88 11.86 -7.21
N HIS V 3 -10.12 12.94 -7.41
CA HIS V 3 -10.58 14.32 -7.27
C HIS V 3 -10.72 14.71 -8.75
N LEU V 4 -11.88 14.43 -9.34
CA LEU V 4 -12.22 14.83 -10.69
C LEU V 4 -12.90 16.15 -10.48
N HIS V 5 -12.36 17.19 -11.08
CA HIS V 5 -12.91 18.52 -10.87
C HIS V 5 -13.11 19.09 -12.27
N LEU V 6 -14.21 19.69 -12.48
CA LEU V 6 -14.57 20.33 -13.74
C LEU V 6 -15.12 21.72 -13.42
N ARG V 7 -14.76 22.71 -14.24
CA ARG V 7 -15.15 24.10 -14.02
C ARG V 7 -15.34 24.67 -15.43
N LEU V 8 -16.58 25.01 -15.74
CA LEU V 8 -16.86 25.59 -17.05
C LEU V 8 -17.54 26.95 -16.92
N LEU W 2 15.25 -19.65 30.34
CA LEU W 2 15.49 -18.57 29.39
C LEU W 2 14.65 -17.29 29.60
N HIS W 3 15.29 -16.15 29.36
CA HIS W 3 14.69 -14.82 29.46
C HIS W 3 14.52 -14.49 27.97
N LEU W 4 13.39 -14.92 27.39
CA LEU W 4 13.04 -14.60 26.01
C LEU W 4 12.21 -13.35 26.18
N HIS W 5 12.63 -12.27 25.55
CA HIS W 5 11.95 -11.00 25.72
C HIS W 5 11.70 -10.51 24.30
N LEU W 6 10.54 -10.03 24.06
CA LEU W 6 10.13 -9.48 22.78
C LEU W 6 9.43 -8.15 23.06
N ARG W 7 9.69 -7.15 22.20
CA ARG W 7 9.15 -5.80 22.39
C ARG W 7 8.93 -5.29 20.96
N LEU W 8 7.65 -5.10 20.63
CA LEU W 8 7.31 -4.60 19.29
C LEU W 8 6.50 -3.32 19.37
N LEU X 2 -22.52 19.25 -25.73
CA LEU X 2 -21.47 18.23 -25.60
C LEU X 2 -21.91 16.89 -24.99
N HIS X 3 -21.33 15.81 -25.53
CA HIS X 3 -21.57 14.44 -25.09
C HIS X 3 -20.27 14.18 -24.31
N LEU X 4 -20.25 14.53 -23.03
CA LEU X 4 -19.15 14.26 -22.14
C LEU X 4 -19.54 12.94 -21.53
N HIS X 5 -18.70 11.93 -21.70
CA HIS X 5 -19.05 10.61 -21.21
C HIS X 5 -17.83 10.17 -20.40
N LEU X 6 -18.08 9.61 -19.28
CA LEU X 6 -17.05 9.09 -18.39
C LEU X 6 -17.48 7.70 -17.95
N ARG X 7 -16.53 6.77 -17.87
CA ARG X 7 -16.80 5.37 -17.52
C ARG X 7 -15.57 4.93 -16.73
N LEU X 8 -15.79 4.64 -15.45
CA LEU X 8 -14.70 4.19 -14.60
C LEU X 8 -15.01 2.84 -13.97
N LEU Y 2 -2.53 -3.78 16.75
CA LEU Y 2 -2.37 -2.84 15.65
C LEU Y 2 -3.29 -1.61 15.67
N HIS Y 3 -2.73 -0.48 15.24
CA HIS Y 3 -3.42 0.81 15.15
C HIS Y 3 -3.59 0.91 13.63
N LEU Y 4 -4.68 0.32 13.16
CA LEU Y 4 -5.07 0.31 11.76
C LEU Y 4 -5.98 1.52 11.68
N HIS Y 5 -5.62 2.47 10.84
CA HIS Y 5 -6.38 3.69 10.75
C HIS Y 5 -6.67 3.88 9.27
N LEU Y 6 -7.88 4.23 8.97
CA LEU Y 6 -8.25 4.54 7.63
C LEU Y 6 -8.96 5.89 7.67
N ARG Y 7 -8.90 6.62 6.58
CA ARG Y 7 -9.53 7.93 6.49
C ARG Y 7 -9.79 8.12 4.99
N LEU Y 8 -11.07 8.20 4.63
CA LEU Y 8 -11.45 8.38 3.23
C LEU Y 8 -12.29 9.65 3.17
N LEU Z 2 -16.50 2.72 -4.68
CA LEU Z 2 -15.36 1.86 -4.39
C LEU Z 2 -15.66 0.56 -3.64
N HIS Z 3 -14.95 -0.50 -4.02
CA HIS Z 3 -15.06 -1.84 -3.42
C HIS Z 3 -13.74 -1.87 -2.62
N LEU Z 4 -13.83 -1.34 -1.40
CA LEU Z 4 -12.73 -1.30 -0.46
C LEU Z 4 -12.95 -2.57 0.34
N HIS Z 5 -11.96 -3.45 0.32
CA HIS Z 5 -12.12 -4.73 0.99
C HIS Z 5 -10.87 -4.86 1.87
N LEU Z 6 -11.09 -5.29 3.08
CA LEU Z 6 -10.01 -5.56 3.98
C LEU Z 6 -10.26 -6.96 4.52
N ARG Z 7 -9.17 -7.62 4.90
CA ARG Z 7 -9.25 -8.98 5.45
C ARG Z 7 -8.00 -9.12 6.30
N LEU Z 8 -8.20 -9.27 7.61
CA LEU Z 8 -7.09 -9.40 8.55
C LEU Z 8 -7.29 -10.74 9.25
N LEU AA 2 -1.84 -10.23 14.29
CA LEU AA 2 -0.79 -11.24 14.29
C LEU AA 2 -1.20 -12.65 14.73
N HIS AA 3 -0.63 -13.65 14.08
CA HIS AA 3 -0.84 -15.07 14.35
C HIS AA 3 0.47 -15.41 15.09
N LEU AA 4 0.47 -15.20 16.41
CA LEU AA 4 1.59 -15.56 17.26
C LEU AA 4 1.21 -16.95 17.71
N HIS AA 5 2.06 -17.92 17.42
CA HIS AA 5 1.74 -19.30 17.75
C HIS AA 5 2.96 -19.82 18.49
N LEU AA 6 2.73 -20.51 19.54
CA LEU AA 6 3.76 -21.13 20.37
C LEU AA 6 3.34 -22.57 20.64
N ARG AA 7 4.31 -23.49 20.60
CA ARG AA 7 4.05 -24.91 20.79
C ARG AA 7 5.28 -25.43 21.51
N LEU AA 8 5.07 -25.87 22.75
CA LEU AA 8 6.17 -26.40 23.54
C LEU AA 8 5.87 -27.83 24.01
N LEU BA 2 -14.50 9.32 -3.92
CA LEU BA 2 -14.13 10.41 -4.82
C LEU BA 2 -14.82 11.76 -4.57
N HIS BA 3 -14.06 12.83 -4.76
CA HIS BA 3 -14.51 14.21 -4.60
C HIS BA 3 -14.64 14.62 -6.08
N LEU BA 4 -15.81 14.35 -6.66
CA LEU BA 4 -16.15 14.75 -8.02
C LEU BA 4 -16.83 16.08 -7.80
N HIS BA 5 -16.28 17.13 -8.40
CA HIS BA 5 -16.82 18.46 -8.17
C HIS BA 5 -17.02 19.03 -9.57
N LEU BA 6 -18.12 19.65 -9.76
CA LEU BA 6 -18.47 20.30 -11.02
C LEU BA 6 -19.02 21.68 -10.69
N ARG BA 7 -18.65 22.69 -11.50
CA ARG BA 7 -19.03 24.08 -11.27
C ARG BA 7 -19.22 24.65 -12.67
N LEU BA 8 -20.45 25.01 -12.98
CA LEU BA 8 -20.74 25.59 -14.29
C LEU BA 8 -21.41 26.96 -14.15
N LEU CA 2 11.15 -20.21 32.71
CA LEU CA 2 11.41 -19.11 31.77
C LEU CA 2 10.57 -17.84 31.98
N HIS CA 3 11.21 -16.69 31.76
CA HIS CA 3 10.62 -15.37 31.87
C HIS CA 3 10.45 -15.02 30.38
N LEU CA 4 9.33 -15.43 29.79
CA LEU CA 4 8.96 -15.11 28.43
C LEU CA 4 8.14 -13.86 28.60
N HIS CA 5 8.58 -12.78 27.98
CA HIS CA 5 7.90 -11.51 28.15
C HIS CA 5 7.65 -11.00 26.75
N LEU CA 6 6.49 -10.51 26.52
CA LEU CA 6 6.09 -9.94 25.24
C LEU CA 6 5.40 -8.61 25.53
N ARG CA 7 5.66 -7.60 24.69
CA ARG CA 7 5.13 -6.25 24.86
C ARG CA 7 4.90 -5.74 23.45
N LEU CA 8 3.63 -5.53 23.12
CA LEU CA 8 3.29 -5.03 21.80
C LEU CA 8 2.48 -3.74 21.89
N LEU DA 2 -26.43 19.35 -23.01
CA LEU DA 2 -25.39 18.33 -22.90
C LEU DA 2 -25.84 16.98 -22.30
N HIS DA 3 -25.27 15.91 -22.84
CA HIS DA 3 -25.51 14.54 -22.42
C HIS DA 3 -24.21 14.26 -21.64
N LEU DA 4 -24.19 14.60 -20.36
CA LEU DA 4 -23.08 14.32 -19.47
C LEU DA 4 -23.48 13.01 -18.86
N HIS DA 5 -22.66 11.99 -19.05
CA HIS DA 5 -23.00 10.66 -18.57
C HIS DA 5 -21.79 10.21 -17.77
N LEU DA 6 -22.03 9.65 -16.65
CA LEU DA 6 -21.00 9.11 -15.77
C LEU DA 6 -21.45 7.72 -15.33
N ARG DA 7 -20.50 6.78 -15.26
CA ARG DA 7 -20.78 5.38 -14.93
C ARG DA 7 -19.56 4.92 -14.14
N LEU DA 8 -19.78 4.63 -12.86
CA LEU DA 8 -18.69 4.17 -12.02
C LEU DA 8 -19.01 2.81 -11.39
#